data_2YHW
#
_entry.id   2YHW
#
_cell.length_a   90.730
_cell.length_b   90.730
_cell.length_c   100.780
_cell.angle_alpha   90.00
_cell.angle_beta   90.00
_cell.angle_gamma   90.00
#
_symmetry.space_group_name_H-M   'P 41 21 2'
#
loop_
_entity.id
_entity.type
_entity.pdbx_description
1 polymer 'BIFUNCTIONAL UDP-N-ACETYLGLUCOSAMINE 2-EPIMERASE/N-ACETYLMANNOSAMINE KINASE'
2 non-polymer 2-acetamido-2-deoxy-alpha-D-mannopyranose
3 non-polymer 'ZINC ION'
4 non-polymer 'NONAETHYLENE GLYCOL'
5 non-polymer 1,2-ETHANEDIOL
6 non-polymer 'CALCIUM ION'
7 non-polymer 'TRIETHYLENE GLYCOL'
8 non-polymer 'ACETATE ION'
9 non-polymer 'CHLORIDE ION'
10 water water
#
_entity_poly.entity_id   1
_entity_poly.type   'polypeptide(L)'
_entity_poly.pdbx_seq_one_letter_code
;MGSSHHHHHHSSGLVPRGSHMENLYFQGTLSALAVDLGGTNLRVAIVSMKGEIVKKYTQFNPKTYEERINLILQMCVEAA
AEAVKLNCRILGVGISTGGRVNPREGIVLHSTKLIQEWNSVDLRTPLSDTLHLPVWVDNDGNCAALAERKFGQGKGLENF
VTLITGTGIGGGIIHQHELIHGSSFCAAELGHLVVSL(SNN)GPDCSCGSHGCIEAYASGMALQREAKKLHDEDLLLVEG
MSVPKDEAVGALHLIQAAKLGNAKAQSILRTAGTALGLGVVNILHTMNPSLVILSGVLASHYIHIVKDVIRQQALSSVQD
VDVVVSDLVDPALLGAASMVLDYTTRR
;
_entity_poly.pdbx_strand_id   A
#
loop_
_chem_comp.id
_chem_comp.type
_chem_comp.name
_chem_comp.formula
2PE non-polymer 'NONAETHYLENE GLYCOL' 'C18 H38 O10'
ACT non-polymer 'ACETATE ION' 'C2 H3 O2 -1'
BM3 D-saccharide, alpha linking 2-acetamido-2-deoxy-alpha-D-mannopyranose 'C8 H15 N O6'
CA non-polymer 'CALCIUM ION' 'Ca 2'
CL non-polymer 'CHLORIDE ION' 'Cl -1'
EDO non-polymer 1,2-ETHANEDIOL 'C2 H6 O2'
PGE non-polymer 'TRIETHYLENE GLYCOL' 'C6 H14 O4'
ZN non-polymer 'ZINC ION' 'Zn 2'
#
# COMPACT_ATOMS: atom_id res chain seq x y z
N GLY A 28 -15.95 -26.90 -0.08
N GLY A 28 -17.55 -26.48 0.05
CA GLY A 28 -15.28 -25.91 0.84
CA GLY A 28 -18.23 -25.35 0.77
C GLY A 28 -15.88 -24.52 0.69
C GLY A 28 -17.63 -23.95 0.59
N THR A 29 -15.65 -23.60 1.66
N THR A 29 -16.72 -23.56 1.47
CA THR A 29 -16.21 -22.21 1.69
CA THR A 29 -16.36 -22.16 1.79
C THR A 29 -15.51 -21.43 0.53
C THR A 29 -15.43 -21.42 0.75
N LEU A 30 -16.13 -20.39 -0.03
N LEU A 30 -16.05 -20.80 -0.24
CA LEU A 30 -15.58 -19.78 -1.29
CA LEU A 30 -15.33 -20.17 -1.35
C LEU A 30 -14.49 -18.81 -0.93
C LEU A 30 -14.43 -19.05 -0.86
N SER A 31 -13.27 -19.02 -1.49
CA SER A 31 -12.09 -18.34 -0.94
C SER A 31 -11.14 -18.00 -2.09
N ALA A 32 -10.21 -17.15 -1.81
CA ALA A 32 -9.11 -16.85 -2.69
C ALA A 32 -7.82 -17.10 -2.00
N LEU A 33 -6.76 -17.34 -2.76
CA LEU A 33 -5.38 -17.20 -2.24
C LEU A 33 -4.95 -15.79 -2.61
N ALA A 34 -4.36 -15.07 -1.69
CA ALA A 34 -3.90 -13.76 -1.87
C ALA A 34 -2.44 -13.71 -1.50
N VAL A 35 -1.67 -12.96 -2.30
CA VAL A 35 -0.24 -12.76 -2.04
C VAL A 35 0.03 -11.28 -2.04
N ASP A 36 0.86 -10.82 -1.12
CA ASP A 36 1.30 -9.43 -1.09
C ASP A 36 2.78 -9.37 -0.91
N LEU A 37 3.39 -8.78 -1.91
CA LEU A 37 4.82 -8.64 -1.96
C LEU A 37 5.17 -7.23 -1.68
N GLY A 38 5.71 -7.05 -0.52
CA GLY A 38 5.91 -5.73 0.01
C GLY A 38 7.35 -5.37 0.05
N GLY A 39 7.60 -4.19 0.54
CA GLY A 39 8.99 -3.77 0.64
C GLY A 39 9.80 -4.47 1.74
N THR A 40 9.15 -5.29 2.55
CA THR A 40 9.85 -5.98 3.64
C THR A 40 9.40 -7.45 3.72
N ASN A 41 8.09 -7.62 3.71
CA ASN A 41 7.51 -8.95 3.96
C ASN A 41 6.75 -9.49 2.74
N LEU A 42 6.76 -10.80 2.58
CA LEU A 42 5.97 -11.54 1.62
C LEU A 42 4.89 -12.23 2.44
N ARG A 43 3.62 -11.98 2.11
N ARG A 43 3.63 -11.99 2.11
CA ARG A 43 2.49 -12.54 2.84
CA ARG A 43 2.55 -12.61 2.82
C ARG A 43 1.60 -13.26 1.89
C ARG A 43 1.69 -13.36 1.85
N VAL A 44 1.13 -14.47 2.34
CA VAL A 44 0.19 -15.29 1.56
C VAL A 44 -0.96 -15.66 2.48
N ALA A 45 -2.20 -15.48 2.03
CA ALA A 45 -3.35 -15.67 2.86
C ALA A 45 -4.42 -16.38 2.13
N ILE A 46 -5.27 -17.11 2.92
CA ILE A 46 -6.52 -17.64 2.47
C ILE A 46 -7.60 -16.61 2.91
N VAL A 47 -8.36 -16.09 1.94
CA VAL A 47 -9.30 -15.02 2.22
C VAL A 47 -10.69 -15.45 1.75
N SER A 48 -11.68 -15.35 2.65
CA SER A 48 -13.05 -15.70 2.27
C SER A 48 -13.70 -14.69 1.38
N MET A 49 -14.86 -15.09 0.82
N MET A 49 -14.83 -15.07 0.75
CA MET A 49 -15.65 -14.24 -0.08
CA MET A 49 -15.59 -14.17 -0.13
C MET A 49 -16.08 -12.96 0.61
C MET A 49 -16.23 -12.98 0.63
N LYS A 50 -16.20 -13.03 1.95
CA LYS A 50 -16.68 -11.95 2.78
C LYS A 50 -15.54 -11.04 3.27
N GLY A 51 -14.31 -11.34 2.91
CA GLY A 51 -13.15 -10.53 3.31
C GLY A 51 -12.58 -10.82 4.67
N GLU A 52 -12.82 -12.05 5.14
CA GLU A 52 -12.15 -12.56 6.33
C GLU A 52 -10.85 -13.24 5.98
N ILE A 53 -9.76 -12.85 6.65
CA ILE A 53 -8.52 -13.56 6.52
C ILE A 53 -8.61 -14.81 7.37
N VAL A 54 -8.71 -15.96 6.69
CA VAL A 54 -8.83 -17.29 7.35
C VAL A 54 -7.48 -17.66 7.97
N LYS A 55 -6.37 -17.44 7.21
CA LYS A 55 -5.02 -17.80 7.69
C LYS A 55 -4.08 -16.97 6.86
N LYS A 56 -3.01 -16.50 7.50
CA LYS A 56 -2.03 -15.66 6.84
C LYS A 56 -0.64 -16.18 7.27
N TYR A 57 0.20 -16.36 6.25
CA TYR A 57 1.59 -16.72 6.38
C TYR A 57 2.48 -15.54 6.07
N THR A 58 3.56 -15.37 6.84
CA THR A 58 4.44 -14.23 6.65
C THR A 58 5.87 -14.65 6.64
N GLN A 59 6.62 -14.21 5.64
CA GLN A 59 8.05 -14.40 5.59
C GLN A 59 8.73 -13.12 5.13
N PHE A 60 10.05 -13.01 5.27
CA PHE A 60 10.63 -11.85 4.67
C PHE A 60 10.59 -12.03 3.14
N ASN A 61 10.44 -10.94 2.43
CA ASN A 61 10.53 -10.97 0.93
C ASN A 61 11.98 -11.12 0.54
N PRO A 62 12.39 -12.25 -0.06
CA PRO A 62 13.76 -12.40 -0.41
C PRO A 62 14.28 -11.32 -1.37
N LYS A 63 15.57 -11.12 -1.37
CA LYS A 63 16.18 -10.02 -2.11
C LYS A 63 16.56 -10.37 -3.53
N THR A 64 16.43 -11.65 -3.93
CA THR A 64 16.83 -12.10 -5.24
C THR A 64 15.62 -12.75 -5.93
N TYR A 65 15.58 -12.74 -7.24
CA TYR A 65 14.48 -13.32 -8.00
C TYR A 65 14.30 -14.78 -7.74
N GLU A 66 15.40 -15.54 -7.82
CA GLU A 66 15.25 -16.99 -7.78
C GLU A 66 14.65 -17.40 -6.43
N GLU A 67 15.16 -16.81 -5.37
CA GLU A 67 14.65 -17.12 -4.06
C GLU A 67 13.20 -16.67 -3.89
N ARG A 68 12.90 -15.49 -4.40
CA ARG A 68 11.58 -14.92 -4.29
C ARG A 68 10.52 -15.79 -4.98
N ILE A 69 10.78 -16.13 -6.22
CA ILE A 69 9.80 -16.92 -6.99
C ILE A 69 9.58 -18.29 -6.33
N ASN A 70 10.66 -18.92 -5.87
CA ASN A 70 10.59 -20.22 -5.22
C ASN A 70 9.77 -20.13 -3.95
N LEU A 71 9.99 -19.07 -3.15
CA LEU A 71 9.22 -18.89 -1.87
C LEU A 71 7.76 -18.58 -2.10
N ILE A 72 7.47 -17.77 -3.10
CA ILE A 72 6.09 -17.54 -3.46
C ILE A 72 5.35 -18.85 -3.78
N LEU A 73 5.97 -19.67 -4.61
CA LEU A 73 5.39 -20.98 -5.01
C LEU A 73 5.26 -21.86 -3.79
N GLN A 74 6.31 -21.98 -2.98
N GLN A 74 6.28 -21.96 -2.95
CA GLN A 74 6.31 -22.78 -1.77
CA GLN A 74 6.22 -22.84 -1.79
C GLN A 74 5.11 -22.38 -0.90
C GLN A 74 5.17 -22.42 -0.78
N MET A 75 5.07 -21.10 -0.56
CA MET A 75 4.00 -20.59 0.29
C MET A 75 2.60 -20.85 -0.23
N CYS A 76 2.43 -20.67 -1.52
CA CYS A 76 1.14 -20.85 -2.13
C CYS A 76 0.74 -22.32 -2.15
N VAL A 77 1.68 -23.21 -2.42
CA VAL A 77 1.39 -24.68 -2.35
C VAL A 77 0.96 -25.05 -0.95
N GLU A 78 1.71 -24.57 0.07
CA GLU A 78 1.33 -24.85 1.45
C GLU A 78 -0.02 -24.32 1.81
N ALA A 79 -0.27 -23.06 1.48
CA ALA A 79 -1.58 -22.45 1.74
C ALA A 79 -2.73 -23.17 1.06
N ALA A 80 -2.51 -23.64 -0.16
CA ALA A 80 -3.50 -24.38 -0.94
C ALA A 80 -3.81 -25.69 -0.20
N ALA A 81 -2.79 -26.34 0.31
CA ALA A 81 -2.97 -27.58 1.07
C ALA A 81 -3.68 -27.36 2.38
N GLU A 82 -3.33 -26.28 3.09
CA GLU A 82 -4.03 -25.95 4.32
C GLU A 82 -5.50 -25.63 4.09
N ALA A 83 -5.77 -24.92 2.99
CA ALA A 83 -7.17 -24.50 2.62
C ALA A 83 -8.03 -25.75 2.56
N VAL A 84 -7.54 -26.84 1.97
CA VAL A 84 -8.34 -28.13 1.92
C VAL A 84 -8.66 -28.57 3.35
N LYS A 85 -7.65 -28.53 4.24
CA LYS A 85 -7.83 -28.96 5.62
C LYS A 85 -8.82 -28.08 6.41
N LEU A 86 -8.83 -26.77 6.08
CA LEU A 86 -9.73 -25.80 6.65
C LEU A 86 -11.09 -25.69 5.93
N ASN A 87 -11.30 -26.58 4.98
CA ASN A 87 -12.54 -26.65 4.21
C ASN A 87 -12.85 -25.35 3.46
N CYS A 88 -11.81 -24.80 2.83
CA CYS A 88 -11.94 -23.63 2.00
C CYS A 88 -11.70 -24.06 0.55
N ARG A 89 -12.57 -23.64 -0.34
CA ARG A 89 -12.40 -23.88 -1.76
C ARG A 89 -11.76 -22.69 -2.44
N ILE A 90 -10.53 -22.88 -2.88
CA ILE A 90 -9.76 -21.81 -3.54
C ILE A 90 -10.19 -21.63 -4.96
N LEU A 91 -10.59 -20.41 -5.32
CA LEU A 91 -11.12 -20.12 -6.68
C LEU A 91 -10.04 -19.55 -7.58
N GLY A 92 -8.89 -19.18 -7.01
CA GLY A 92 -7.90 -18.46 -7.81
C GLY A 92 -6.85 -17.82 -6.95
N VAL A 93 -5.83 -17.21 -7.55
CA VAL A 93 -4.75 -16.54 -6.82
C VAL A 93 -4.71 -15.12 -7.30
N GLY A 94 -4.71 -14.18 -6.38
CA GLY A 94 -4.47 -12.80 -6.68
C GLY A 94 -3.20 -12.33 -6.02
N ILE A 95 -2.41 -11.57 -6.78
CA ILE A 95 -1.12 -11.08 -6.35
C ILE A 95 -1.05 -9.54 -6.35
N SER A 96 -0.75 -8.99 -5.19
CA SER A 96 -0.46 -7.60 -4.97
C SER A 96 1.08 -7.49 -4.94
N THR A 97 1.66 -6.60 -5.76
CA THR A 97 3.10 -6.44 -5.70
C THR A 97 3.44 -4.99 -5.90
N GLY A 98 4.47 -4.50 -5.25
CA GLY A 98 5.12 -3.25 -5.64
C GLY A 98 5.59 -3.39 -7.09
N GLY A 99 5.71 -2.26 -7.77
CA GLY A 99 6.13 -2.23 -9.12
C GLY A 99 5.02 -1.87 -10.08
N ARG A 100 5.44 -1.55 -11.29
CA ARG A 100 4.51 -1.37 -12.41
C ARG A 100 4.13 -2.71 -12.97
N VAL A 101 2.83 -2.97 -13.15
CA VAL A 101 2.32 -4.29 -13.51
C VAL A 101 1.37 -4.18 -14.69
N ASN A 102 1.49 -5.11 -15.66
CA ASN A 102 0.46 -5.29 -16.67
C ASN A 102 -0.48 -6.37 -16.21
N PRO A 103 -1.63 -5.98 -15.70
CA PRO A 103 -2.53 -7.01 -15.18
C PRO A 103 -3.12 -7.90 -16.24
N ARG A 104 -3.31 -7.39 -17.43
CA ARG A 104 -3.90 -8.23 -18.46
C ARG A 104 -3.01 -9.44 -18.75
N GLU A 105 -1.72 -9.22 -18.73
CA GLU A 105 -0.74 -10.29 -18.99
C GLU A 105 -0.19 -10.97 -17.74
N GLY A 106 -0.34 -10.37 -16.61
CA GLY A 106 0.20 -10.92 -15.37
C GLY A 106 1.72 -10.81 -15.28
N ILE A 107 2.25 -9.67 -15.73
CA ILE A 107 3.69 -9.41 -15.84
C ILE A 107 4.06 -8.22 -14.95
N VAL A 108 5.08 -8.36 -14.09
CA VAL A 108 5.67 -7.22 -13.39
C VAL A 108 6.63 -6.57 -14.34
N LEU A 109 6.39 -5.35 -14.76
CA LEU A 109 7.14 -4.67 -15.77
C LEU A 109 8.44 -4.14 -15.21
N HIS A 110 8.36 -3.38 -14.13
CA HIS A 110 9.54 -2.66 -13.61
C HIS A 110 9.30 -2.38 -12.18
N SER A 111 10.33 -2.51 -11.35
CA SER A 111 10.28 -2.22 -9.94
C SER A 111 11.34 -1.25 -9.53
N THR A 112 11.03 -0.38 -8.57
CA THR A 112 12.08 0.33 -7.85
C THR A 112 12.89 -0.67 -7.01
N LYS A 113 14.04 -0.25 -6.49
CA LYS A 113 14.92 -1.07 -5.73
C LYS A 113 14.28 -1.57 -4.41
N LEU A 114 13.10 -1.07 -4.05
CA LEU A 114 12.41 -1.70 -2.92
C LEU A 114 12.17 -3.17 -3.12
N ILE A 115 12.04 -3.63 -4.36
CA ILE A 115 12.04 -5.04 -4.69
C ILE A 115 13.09 -5.25 -5.79
N GLN A 116 14.26 -5.78 -5.45
CA GLN A 116 15.32 -5.96 -6.42
C GLN A 116 15.00 -7.18 -7.31
N GLU A 117 15.56 -7.21 -8.51
CA GLU A 117 15.41 -8.34 -9.41
C GLU A 117 13.93 -8.62 -9.62
N TRP A 118 13.21 -7.62 -10.11
CA TRP A 118 11.74 -7.75 -10.25
C TRP A 118 11.30 -6.90 -11.41
N ASN A 119 11.82 -7.33 -12.57
CA ASN A 119 11.69 -6.62 -13.87
C ASN A 119 11.32 -7.63 -14.93
N SER A 120 10.28 -7.35 -15.71
N SER A 120 10.29 -7.33 -15.71
CA SER A 120 9.88 -8.24 -16.84
CA SER A 120 9.82 -8.21 -16.81
C SER A 120 9.59 -9.67 -16.33
C SER A 120 9.59 -9.64 -16.34
N VAL A 121 8.88 -9.79 -15.21
CA VAL A 121 8.62 -11.06 -14.61
C VAL A 121 7.18 -11.50 -14.93
N ASP A 122 7.04 -12.64 -15.57
CA ASP A 122 5.76 -13.25 -15.80
C ASP A 122 5.42 -14.06 -14.55
N LEU A 123 4.48 -13.57 -13.74
CA LEU A 123 4.01 -14.28 -12.60
C LEU A 123 2.90 -15.24 -12.87
N ARG A 124 2.07 -14.93 -13.84
CA ARG A 124 0.95 -15.78 -14.14
C ARG A 124 1.36 -17.20 -14.54
N THR A 125 2.31 -17.32 -15.42
CA THR A 125 2.68 -18.61 -15.97
C THR A 125 3.20 -19.56 -14.86
N PRO A 126 4.19 -19.16 -14.04
CA PRO A 126 4.67 -20.16 -13.09
C PRO A 126 3.60 -20.51 -12.02
N LEU A 127 2.83 -19.53 -11.60
CA LEU A 127 1.89 -19.77 -10.52
C LEU A 127 0.72 -20.64 -11.05
N SER A 128 0.21 -20.33 -12.23
N SER A 128 0.26 -20.32 -12.24
CA SER A 128 -0.92 -21.09 -12.74
CA SER A 128 -0.88 -21.02 -12.79
C SER A 128 -0.44 -22.51 -13.11
C SER A 128 -0.46 -22.47 -13.16
N ASP A 129 0.78 -22.64 -13.64
CA ASP A 129 1.33 -24.01 -13.95
C ASP A 129 1.51 -24.86 -12.69
N THR A 130 1.92 -24.27 -11.58
CA THR A 130 2.19 -24.97 -10.38
C THR A 130 0.88 -25.26 -9.61
N LEU A 131 -0.01 -24.27 -9.48
CA LEU A 131 -1.18 -24.42 -8.63
C LEU A 131 -2.44 -24.91 -9.37
N HIS A 132 -2.38 -24.86 -10.70
CA HIS A 132 -3.54 -25.12 -11.51
C HIS A 132 -4.78 -24.25 -11.18
N LEU A 133 -4.50 -22.94 -11.09
CA LEU A 133 -5.49 -21.92 -10.77
C LEU A 133 -5.28 -20.73 -11.66
N PRO A 134 -6.35 -19.95 -11.88
CA PRO A 134 -6.17 -18.71 -12.54
C PRO A 134 -5.48 -17.70 -11.63
N VAL A 135 -4.75 -16.79 -12.21
CA VAL A 135 -3.91 -15.84 -11.48
C VAL A 135 -4.12 -14.44 -12.00
N TRP A 136 -4.34 -13.50 -11.06
CA TRP A 136 -4.46 -12.11 -11.34
C TRP A 136 -3.31 -11.38 -10.63
N VAL A 137 -2.80 -10.32 -11.23
CA VAL A 137 -1.74 -9.54 -10.64
C VAL A 137 -2.01 -8.06 -10.85
N ASP A 138 -1.74 -7.26 -9.83
CA ASP A 138 -1.79 -5.77 -9.94
C ASP A 138 -0.84 -5.16 -8.95
N ASN A 139 -0.53 -3.89 -9.16
CA ASN A 139 0.22 -3.12 -8.19
C ASN A 139 -0.45 -3.10 -6.84
N ASP A 140 0.31 -3.04 -5.77
CA ASP A 140 -0.23 -3.11 -4.40
C ASP A 140 -1.12 -1.95 -4.00
N GLY A 141 -0.80 -0.73 -4.48
CA GLY A 141 -1.70 0.40 -4.31
C GLY A 141 -2.98 0.25 -5.09
N ASN A 142 -2.93 -0.27 -6.30
CA ASN A 142 -4.11 -0.54 -7.04
C ASN A 142 -4.98 -1.58 -6.28
N CYS A 143 -4.34 -2.64 -5.73
CA CYS A 143 -5.05 -3.62 -4.97
C CYS A 143 -5.69 -2.99 -3.78
N ALA A 144 -5.02 -2.10 -3.04
CA ALA A 144 -5.61 -1.44 -1.94
C ALA A 144 -6.89 -0.73 -2.34
N ALA A 145 -6.85 0.00 -3.46
CA ALA A 145 -8.07 0.58 -3.97
C ALA A 145 -9.22 -0.38 -4.23
N LEU A 146 -8.86 -1.52 -4.82
CA LEU A 146 -9.86 -2.58 -5.06
C LEU A 146 -10.45 -3.10 -3.77
N ALA A 147 -9.64 -3.20 -2.69
CA ALA A 147 -10.18 -3.65 -1.40
C ALA A 147 -11.10 -2.62 -0.84
N GLU A 148 -10.71 -1.33 -0.93
CA GLU A 148 -11.59 -0.30 -0.42
C GLU A 148 -12.89 -0.19 -1.17
N ARG A 149 -12.85 -0.53 -2.45
CA ARG A 149 -14.07 -0.54 -3.26
C ARG A 149 -14.97 -1.71 -2.92
N LYS A 150 -14.41 -2.87 -2.58
CA LYS A 150 -15.25 -4.03 -2.31
C LYS A 150 -15.72 -4.14 -0.87
N PHE A 151 -14.79 -3.89 0.05
CA PHE A 151 -15.00 -4.16 1.50
C PHE A 151 -15.00 -2.88 2.35
N GLY A 152 -14.41 -1.85 1.82
CA GLY A 152 -14.18 -0.63 2.63
C GLY A 152 -14.99 0.58 2.31
N GLN A 153 -14.43 1.77 2.65
CA GLN A 153 -15.17 2.98 2.59
C GLN A 153 -15.33 3.54 1.17
N GLY A 154 -14.77 2.87 0.22
CA GLY A 154 -14.93 3.23 -1.19
C GLY A 154 -16.13 2.52 -1.83
N LYS A 155 -16.86 1.66 -1.12
N LYS A 155 -16.84 1.66 -1.10
CA LYS A 155 -17.94 0.91 -1.71
CA LYS A 155 -18.00 0.96 -1.64
C LYS A 155 -19.00 1.88 -2.26
C LYS A 155 -19.00 1.92 -2.27
N GLY A 156 -19.31 1.65 -3.52
CA GLY A 156 -20.37 2.41 -4.20
C GLY A 156 -19.94 3.80 -4.68
N LEU A 157 -18.71 4.23 -4.46
CA LEU A 157 -18.29 5.58 -4.82
C LEU A 157 -17.79 5.63 -6.25
N GLU A 158 -18.34 6.58 -7.03
N GLU A 158 -18.08 6.76 -6.92
CA GLU A 158 -17.90 6.71 -8.42
CA GLU A 158 -17.52 6.96 -8.28
C GLU A 158 -16.41 6.98 -8.44
C GLU A 158 -16.04 7.34 -8.32
N ASN A 159 -15.94 7.73 -7.46
N ASN A 159 -15.59 8.25 -7.46
N ASN A 159 -15.62 8.13 -7.39
CA ASN A 159 -14.53 8.15 -7.39
CA ASN A 159 -14.24 8.83 -7.58
CA ASN A 159 -14.31 8.73 -7.51
C ASN A 159 -13.93 8.28 -6.01
C ASN A 159 -13.57 8.89 -6.22
C ASN A 159 -13.65 8.81 -6.16
N PHE A 160 -12.66 7.94 -5.90
CA PHE A 160 -11.90 8.02 -4.68
C PHE A 160 -10.45 7.67 -4.98
N VAL A 161 -9.56 8.09 -4.08
CA VAL A 161 -8.16 7.75 -4.16
C VAL A 161 -7.75 7.18 -2.81
N THR A 162 -6.81 6.21 -2.82
CA THR A 162 -6.18 5.71 -1.64
C THR A 162 -4.68 5.84 -1.68
N LEU A 163 -4.08 6.16 -0.54
CA LEU A 163 -2.66 6.12 -0.34
C LEU A 163 -2.38 5.15 0.78
N ILE A 164 -1.55 4.16 0.46
CA ILE A 164 -1.21 3.13 1.42
C ILE A 164 0.19 3.31 1.88
N THR A 165 0.40 3.59 3.17
CA THR A 165 1.72 3.77 3.68
C THR A 165 2.21 2.49 4.35
N GLY A 166 3.43 2.16 4.03
CA GLY A 166 4.04 0.93 4.48
C GLY A 166 5.51 1.21 4.43
N THR A 167 6.24 0.22 3.91
CA THR A 167 7.66 0.43 3.60
C THR A 167 7.83 1.60 2.66
N GLY A 168 7.03 1.55 1.62
CA GLY A 168 6.93 2.60 0.60
C GLY A 168 5.53 3.22 0.71
N ILE A 169 5.22 4.13 -0.23
CA ILE A 169 3.86 4.68 -0.34
C ILE A 169 3.26 4.27 -1.63
N GLY A 170 2.15 3.54 -1.57
CA GLY A 170 1.38 3.13 -2.73
C GLY A 170 0.15 3.97 -2.98
N GLY A 171 -0.28 4.02 -4.24
CA GLY A 171 -1.55 4.70 -4.58
C GLY A 171 -2.44 3.86 -5.42
N GLY A 172 -3.71 4.22 -5.43
CA GLY A 172 -4.72 3.67 -6.27
C GLY A 172 -5.79 4.67 -6.49
N ILE A 173 -6.26 4.75 -7.75
CA ILE A 173 -7.26 5.75 -8.20
C ILE A 173 -8.40 5.06 -8.83
N ILE A 174 -9.59 5.34 -8.29
CA ILE A 174 -10.85 4.83 -8.80
C ILE A 174 -11.61 6.05 -9.39
N HIS A 175 -11.98 5.97 -10.66
CA HIS A 175 -12.65 7.06 -11.35
C HIS A 175 -13.76 6.35 -12.18
N GLN A 176 -14.99 6.85 -12.12
CA GLN A 176 -16.16 6.17 -12.75
C GLN A 176 -16.20 4.73 -12.34
N HIS A 177 -15.96 4.51 -11.05
N HIS A 177 -15.96 4.55 -11.03
CA HIS A 177 -16.07 3.17 -10.45
CA HIS A 177 -15.93 3.26 -10.34
C HIS A 177 -14.92 2.20 -10.73
C HIS A 177 -15.03 2.16 -10.96
N GLU A 178 -13.93 2.58 -11.58
CA GLU A 178 -12.94 1.61 -12.08
C GLU A 178 -11.54 2.15 -11.88
N LEU A 179 -10.57 1.26 -11.78
CA LEU A 179 -9.21 1.73 -11.63
C LEU A 179 -8.72 2.52 -12.82
N ILE A 180 -7.86 3.51 -12.58
CA ILE A 180 -7.09 4.13 -13.65
C ILE A 180 -5.70 3.43 -13.60
N HIS A 181 -5.37 2.75 -14.71
CA HIS A 181 -4.04 2.16 -14.86
C HIS A 181 -3.07 2.98 -15.65
N GLY A 182 -3.52 3.87 -16.50
CA GLY A 182 -2.70 4.75 -17.26
C GLY A 182 -2.27 4.16 -18.60
N SER A 183 -1.69 4.98 -19.45
CA SER A 183 -1.32 4.61 -20.75
C SER A 183 -0.20 3.58 -20.78
N SER A 184 0.61 3.49 -19.74
CA SER A 184 1.69 2.54 -19.61
C SER A 184 1.77 1.88 -18.24
N PHE A 185 0.61 1.71 -17.61
CA PHE A 185 0.50 1.00 -16.36
C PHE A 185 1.25 1.68 -15.27
N CYS A 186 1.36 3.00 -15.32
CA CYS A 186 2.09 3.71 -14.32
C CYS A 186 1.19 4.79 -13.63
N ALA A 187 -0.13 4.75 -13.82
CA ALA A 187 -0.94 5.69 -13.08
C ALA A 187 -0.97 5.31 -11.62
N ALA A 188 -1.26 6.27 -10.77
CA ALA A 188 -1.40 6.05 -9.33
C ALA A 188 -0.12 5.63 -8.66
N GLU A 189 1.05 6.03 -9.18
CA GLU A 189 2.33 5.90 -8.51
C GLU A 189 2.53 7.06 -7.58
N LEU A 190 1.59 7.16 -6.62
CA LEU A 190 1.43 8.39 -5.85
C LEU A 190 2.53 8.55 -4.83
N GLY A 191 3.25 7.50 -4.48
CA GLY A 191 4.42 7.71 -3.64
C GLY A 191 5.47 8.58 -4.25
N HIS A 192 5.43 8.71 -5.60
CA HIS A 192 6.41 9.51 -6.36
C HIS A 192 5.80 10.79 -6.90
N LEU A 193 4.77 11.30 -6.22
CA LEU A 193 4.42 12.75 -6.29
C LEU A 193 5.53 13.51 -5.64
N VAL A 194 5.97 14.57 -6.28
N VAL A 194 5.95 14.59 -6.28
CA VAL A 194 7.11 15.36 -5.84
CA VAL A 194 7.12 15.39 -5.88
C VAL A 194 6.60 16.66 -5.29
C VAL A 194 6.70 16.75 -5.35
N VAL A 195 7.12 17.03 -4.11
CA VAL A 195 6.67 18.21 -3.36
C VAL A 195 7.85 19.09 -2.94
N SER A 196 9.01 18.89 -3.56
CA SER A 196 10.16 19.75 -3.35
C SER A 196 10.97 19.88 -4.63
N LEU A 197 11.61 21.05 -4.85
CA LEU A 197 12.60 21.16 -5.94
C LEU A 197 13.87 20.37 -5.63
N1 SNN A 198 15.03 18.26 -1.75
C SNN A 198 14.76 18.15 -3.05
CA SNN A 198 15.31 19.29 -3.82
N SNN A 198 14.10 20.10 -4.21
C4 SNN A 198 16.08 20.07 -2.73
C5 SNN A 198 15.81 19.32 -1.38
O SNN A 198 14.08 17.25 -3.59
O5 SNN A 198 16.23 19.61 -0.15
CA GLY A 199 14.34 17.28 -0.71
C GLY A 199 15.21 15.99 -0.67
N PRO A 200 14.74 15.07 0.12
CA PRO A 200 15.45 13.82 0.38
C PRO A 200 15.41 12.89 -0.80
N ASP A 201 16.51 12.15 -1.00
CA ASP A 201 16.53 11.15 -2.03
C ASP A 201 15.55 10.10 -1.84
N CYS A 202 14.91 9.69 -2.91
CA CYS A 202 13.98 8.60 -2.94
C CYS A 202 14.63 7.32 -3.51
N SER A 203 14.20 6.19 -3.02
CA SER A 203 14.68 4.95 -3.57
C SER A 203 14.34 4.79 -5.05
N CYS A 204 13.35 5.50 -5.55
CA CYS A 204 13.08 5.39 -6.99
C CYS A 204 14.17 6.02 -7.84
N GLY A 205 15.10 6.77 -7.23
CA GLY A 205 16.15 7.50 -7.92
C GLY A 205 15.94 9.02 -8.09
N SER A 206 14.75 9.49 -7.73
CA SER A 206 14.44 10.90 -7.70
C SER A 206 14.71 11.49 -6.35
N HIS A 207 14.18 12.65 -6.07
CA HIS A 207 14.31 13.29 -4.77
C HIS A 207 13.11 14.17 -4.55
N GLY A 208 12.68 14.28 -3.33
CA GLY A 208 11.54 15.14 -2.97
C GLY A 208 10.13 14.45 -3.13
N CYS A 209 10.15 13.16 -3.44
CA CYS A 209 8.95 12.34 -3.52
C CYS A 209 8.32 12.24 -2.16
N ILE A 210 6.98 12.16 -2.07
CA ILE A 210 6.37 12.00 -0.75
C ILE A 210 6.83 10.73 -0.04
N GLU A 211 7.14 9.68 -0.80
CA GLU A 211 7.69 8.47 -0.22
C GLU A 211 9.01 8.74 0.51
N ALA A 212 9.79 9.65 -0.01
CA ALA A 212 11.11 9.95 0.55
C ALA A 212 11.03 10.71 1.87
N TYR A 213 9.87 11.38 2.07
CA TYR A 213 9.56 12.05 3.30
C TYR A 213 8.85 11.19 4.31
N ALA A 214 7.83 10.41 3.90
CA ALA A 214 6.80 9.98 4.83
C ALA A 214 6.58 8.50 4.91
N SER A 215 7.28 7.71 4.11
CA SER A 215 7.12 6.28 4.18
C SER A 215 7.69 5.77 5.51
N GLY A 216 7.37 4.52 5.76
CA GLY A 216 7.99 3.78 6.90
C GLY A 216 9.49 3.77 6.80
N MET A 217 10.06 3.51 5.62
N MET A 217 9.97 3.45 5.61
CA MET A 217 11.53 3.50 5.54
CA MET A 217 11.38 3.39 5.41
C MET A 217 12.10 4.88 5.74
C MET A 217 12.01 4.75 5.69
N ALA A 218 11.40 5.89 5.25
CA ALA A 218 11.85 7.23 5.52
C ALA A 218 11.90 7.58 7.01
N LEU A 219 10.82 7.24 7.70
CA LEU A 219 10.75 7.58 9.12
C LEU A 219 11.78 6.68 9.89
N GLN A 220 11.88 5.41 9.53
N GLN A 220 11.88 5.42 9.45
CA GLN A 220 12.90 4.50 10.18
CA GLN A 220 12.79 4.40 10.07
C GLN A 220 14.22 5.16 10.02
C GLN A 220 14.22 4.83 9.93
N ARG A 221 14.55 5.45 8.78
CA ARG A 221 15.86 6.02 8.50
C ARG A 221 16.05 7.29 9.38
N GLU A 222 15.05 8.14 9.48
CA GLU A 222 15.21 9.34 10.30
C GLU A 222 15.26 8.94 11.84
N ALA A 223 14.56 7.89 12.28
CA ALA A 223 14.63 7.44 13.69
C ALA A 223 16.03 6.87 13.98
N LYS A 224 16.63 6.22 12.98
CA LYS A 224 17.96 5.60 13.16
C LYS A 224 19.08 6.62 13.14
N LYS A 225 18.94 7.62 12.30
CA LYS A 225 19.70 8.86 12.45
C LYS A 225 19.67 9.38 13.88
N LEU A 226 18.56 9.86 14.36
CA LEU A 226 18.50 10.39 15.73
C LEU A 226 19.11 9.43 16.76
N HIS A 227 18.67 8.20 16.78
CA HIS A 227 19.15 7.25 17.76
C HIS A 227 20.69 7.06 17.65
N ASP A 228 21.24 7.13 16.41
CA ASP A 228 22.71 7.12 16.18
C ASP A 228 23.45 8.21 17.00
N GLU A 229 22.90 9.44 17.00
CA GLU A 229 23.45 10.58 17.77
C GLU A 229 22.80 10.74 19.16
N ASP A 230 22.35 9.62 19.76
CA ASP A 230 21.65 9.64 21.06
C ASP A 230 20.68 10.83 21.21
N LEU A 231 19.80 11.03 20.21
CA LEU A 231 18.80 12.14 20.25
C LEU A 231 17.33 11.72 20.03
N LEU A 232 17.05 10.43 20.02
CA LEU A 232 15.69 9.94 19.90
C LEU A 232 15.05 9.65 21.27
N LEU A 233 15.71 8.81 22.09
CA LEU A 233 15.11 8.30 23.33
C LEU A 233 14.89 9.43 24.32
N VAL A 234 13.77 9.38 25.02
CA VAL A 234 13.45 10.40 26.02
C VAL A 234 12.65 9.88 27.20
N GLU A 235 12.46 10.80 28.16
CA GLU A 235 11.39 10.71 29.17
C GLU A 235 11.12 9.34 29.82
N GLY A 236 10.72 8.36 29.02
CA GLY A 236 10.41 7.01 29.48
C GLY A 236 9.94 6.13 28.34
N MET A 237 10.88 5.81 27.43
CA MET A 237 10.77 4.69 26.51
C MET A 237 11.80 3.68 26.97
N SER A 238 11.55 2.38 26.78
CA SER A 238 12.62 1.37 26.94
C SER A 238 13.47 1.34 25.67
N VAL A 239 14.40 0.38 25.57
CA VAL A 239 15.34 0.25 24.44
C VAL A 239 16.58 1.08 24.75
N ALA A 244 16.55 -2.24 17.07
CA ALA A 244 16.52 -1.42 15.87
C ALA A 244 15.38 -0.36 15.88
N VAL A 245 15.77 0.91 15.86
CA VAL A 245 14.81 2.00 15.87
C VAL A 245 13.92 1.89 14.61
N GLY A 246 12.70 2.40 14.72
CA GLY A 246 11.75 2.36 13.59
C GLY A 246 10.86 3.56 13.62
N ALA A 247 9.88 3.58 12.71
CA ALA A 247 8.85 4.62 12.69
C ALA A 247 8.15 4.81 14.06
N LEU A 248 7.71 3.68 14.65
CA LEU A 248 6.83 3.75 15.84
C LEU A 248 7.53 4.41 17.05
N HIS A 249 8.86 4.31 17.09
CA HIS A 249 9.69 4.94 18.12
C HIS A 249 9.83 6.44 17.95
N LEU A 250 9.96 6.87 16.70
CA LEU A 250 9.95 8.29 16.41
C LEU A 250 8.60 8.93 16.85
N ILE A 251 7.49 8.23 16.58
CA ILE A 251 6.17 8.73 16.94
C ILE A 251 5.97 8.80 18.43
N GLN A 252 6.47 7.78 19.12
CA GLN A 252 6.45 7.76 20.56
C GLN A 252 7.34 8.85 21.17
N ALA A 253 8.55 9.02 20.68
CA ALA A 253 9.39 10.11 21.19
C ALA A 253 8.68 11.44 21.10
N ALA A 254 8.01 11.68 19.96
CA ALA A 254 7.32 12.95 19.75
C ALA A 254 6.11 13.15 20.68
N LYS A 255 5.33 12.08 20.88
CA LYS A 255 4.18 12.09 21.82
C LYS A 255 4.66 12.41 23.22
N LEU A 256 5.85 11.94 23.57
CA LEU A 256 6.46 12.15 24.88
C LEU A 256 7.37 13.38 24.91
N GLY A 257 7.18 14.31 23.96
CA GLY A 257 7.90 15.60 23.91
C GLY A 257 9.28 15.70 23.23
N ASN A 258 9.69 14.77 22.36
CA ASN A 258 11.01 14.87 21.68
C ASN A 258 10.91 15.87 20.54
N ALA A 259 11.59 17.02 20.60
CA ALA A 259 11.33 18.09 19.60
C ALA A 259 11.96 17.84 18.22
N LYS A 260 13.14 17.23 18.15
CA LYS A 260 13.67 16.75 16.87
C LYS A 260 12.66 15.81 16.20
N ALA A 261 12.04 14.90 16.97
CA ALA A 261 11.11 13.89 16.40
C ALA A 261 9.78 14.55 15.95
N GLN A 262 9.26 15.45 16.75
CA GLN A 262 8.07 16.23 16.36
C GLN A 262 8.32 17.01 15.06
N SER A 263 9.47 17.67 14.97
CA SER A 263 9.83 18.41 13.73
C SER A 263 9.84 17.46 12.50
N ILE A 264 10.50 16.31 12.66
CA ILE A 264 10.61 15.34 11.60
C ILE A 264 9.23 14.87 11.15
N LEU A 265 8.35 14.63 12.11
CA LEU A 265 7.05 14.12 11.80
C LEU A 265 6.18 15.19 11.19
N ARG A 266 6.28 16.42 11.66
CA ARG A 266 5.55 17.48 11.00
C ARG A 266 5.94 17.63 9.55
N THR A 267 7.24 17.64 9.27
CA THR A 267 7.73 17.79 7.88
C THR A 267 7.20 16.63 7.05
N ALA A 268 7.31 15.40 7.60
CA ALA A 268 6.81 14.20 6.89
C ALA A 268 5.31 14.31 6.57
N GLY A 269 4.52 14.68 7.54
CA GLY A 269 3.07 14.82 7.39
C GLY A 269 2.73 15.93 6.42
N THR A 270 3.46 17.03 6.47
CA THR A 270 3.23 18.16 5.54
C THR A 270 3.45 17.71 4.12
N ALA A 271 4.54 16.96 3.90
CA ALA A 271 4.85 16.49 2.56
C ALA A 271 3.75 15.58 2.04
N LEU A 272 3.30 14.65 2.88
CA LEU A 272 2.20 13.75 2.50
C LEU A 272 0.94 14.63 2.22
N GLY A 273 0.65 15.62 3.08
CA GLY A 273 -0.50 16.45 2.86
C GLY A 273 -0.45 17.15 1.52
N LEU A 274 0.73 17.64 1.13
CA LEU A 274 0.92 18.27 -0.17
C LEU A 274 0.77 17.33 -1.36
N GLY A 275 1.17 16.07 -1.15
CA GLY A 275 0.89 15.06 -2.18
C GLY A 275 -0.64 14.91 -2.33
N VAL A 276 -1.34 14.91 -1.20
CA VAL A 276 -2.80 14.86 -1.22
C VAL A 276 -3.39 16.12 -1.95
N VAL A 277 -2.89 17.30 -1.66
CA VAL A 277 -3.28 18.52 -2.35
C VAL A 277 -3.12 18.32 -3.86
N ASN A 278 -2.00 17.73 -4.29
N ASN A 278 -1.93 17.88 -4.27
CA ASN A 278 -1.79 17.54 -5.72
CA ASN A 278 -1.71 17.53 -5.68
C ASN A 278 -2.86 16.58 -6.30
C ASN A 278 -2.87 16.65 -6.22
N ILE A 279 -3.16 15.54 -5.54
CA ILE A 279 -4.24 14.65 -5.95
C ILE A 279 -5.58 15.38 -6.06
N LEU A 280 -5.92 16.20 -5.04
CA LEU A 280 -7.19 16.89 -5.09
C LEU A 280 -7.28 17.79 -6.31
N HIS A 281 -6.20 18.52 -6.64
CA HIS A 281 -6.23 19.45 -7.72
C HIS A 281 -6.10 18.81 -9.12
N THR A 282 -5.70 17.52 -9.10
CA THR A 282 -5.63 16.74 -10.32
C THR A 282 -6.94 16.00 -10.59
N MET A 283 -7.27 15.05 -9.70
N MET A 283 -7.32 15.05 -9.74
CA MET A 283 -8.42 14.13 -9.86
CA MET A 283 -8.56 14.32 -10.02
C MET A 283 -9.70 14.69 -9.17
C MET A 283 -9.73 14.62 -9.11
N ASN A 284 -9.57 15.49 -8.10
CA ASN A 284 -10.77 15.96 -7.32
C ASN A 284 -11.71 14.84 -6.92
N PRO A 285 -11.12 13.87 -6.19
CA PRO A 285 -11.95 12.74 -5.72
C PRO A 285 -12.90 13.21 -4.61
N SER A 286 -13.97 12.44 -4.37
CA SER A 286 -14.87 12.77 -3.24
C SER A 286 -14.27 12.33 -1.88
N LEU A 287 -13.36 11.37 -1.91
CA LEU A 287 -12.86 10.68 -0.77
C LEU A 287 -11.38 10.33 -1.00
N VAL A 288 -10.59 10.56 0.03
CA VAL A 288 -9.19 10.08 0.11
C VAL A 288 -9.11 9.15 1.33
N ILE A 289 -8.69 7.89 1.09
CA ILE A 289 -8.51 6.87 2.12
C ILE A 289 -7.05 6.67 2.38
N LEU A 290 -6.63 6.96 3.60
CA LEU A 290 -5.27 6.72 4.03
C LEU A 290 -5.24 5.39 4.76
N SER A 291 -4.32 4.53 4.37
CA SER A 291 -4.14 3.22 5.06
C SER A 291 -2.71 2.93 5.38
N GLY A 292 -2.52 1.79 6.07
CA GLY A 292 -1.22 1.52 6.76
C GLY A 292 -1.18 2.01 8.18
N VAL A 293 -0.28 1.47 9.02
CA VAL A 293 -0.24 1.86 10.43
C VAL A 293 0.05 3.34 10.63
N LEU A 294 0.77 3.98 9.66
CA LEU A 294 1.05 5.42 9.81
C LEU A 294 -0.13 6.33 9.45
N ALA A 295 -1.14 5.78 8.83
CA ALA A 295 -2.30 6.61 8.42
C ALA A 295 -2.90 7.35 9.60
N SER A 296 -3.09 6.64 10.74
CA SER A 296 -3.65 7.30 11.93
C SER A 296 -2.82 8.44 12.46
N HIS A 297 -1.52 8.32 12.24
CA HIS A 297 -0.60 9.35 12.67
C HIS A 297 -0.52 10.56 11.77
N TYR A 298 -0.83 10.40 10.49
CA TYR A 298 -0.75 11.53 9.55
C TYR A 298 -2.07 12.20 9.25
N ILE A 299 -3.18 11.55 9.55
CA ILE A 299 -4.45 12.11 9.05
C ILE A 299 -4.71 13.52 9.53
N HIS A 300 -4.39 13.84 10.76
CA HIS A 300 -4.65 15.18 11.21
C HIS A 300 -3.85 16.27 10.49
N ILE A 301 -2.58 16.01 10.23
N ILE A 301 -2.56 16.01 10.25
CA ILE A 301 -1.76 16.98 9.55
CA ILE A 301 -1.69 16.92 9.54
C ILE A 301 -2.14 17.09 8.07
C ILE A 301 -2.14 17.08 8.09
N VAL A 302 -2.52 15.98 7.47
CA VAL A 302 -2.96 15.96 6.08
C VAL A 302 -4.20 16.89 5.97
N LYS A 303 -5.13 16.73 6.91
CA LYS A 303 -6.34 17.57 6.90
C LYS A 303 -6.00 19.03 7.08
N ASP A 304 -5.05 19.27 7.98
N ASP A 304 -5.03 19.37 7.94
CA ASP A 304 -4.55 20.61 8.22
CA ASP A 304 -4.68 20.79 8.09
C ASP A 304 -4.01 21.26 6.95
C ASP A 304 -3.99 21.37 6.85
N VAL A 305 -3.13 20.57 6.20
CA VAL A 305 -2.49 21.08 5.02
C VAL A 305 -3.53 21.37 3.93
N ILE A 306 -4.54 20.46 3.80
CA ILE A 306 -5.63 20.72 2.85
C ILE A 306 -6.37 22.01 3.18
N ARG A 307 -6.65 22.22 4.46
N ARG A 307 -6.77 22.15 4.44
CA ARG A 307 -7.28 23.46 4.92
CA ARG A 307 -7.53 23.32 4.87
C ARG A 307 -6.38 24.68 4.63
C ARG A 307 -6.75 24.57 4.60
N GLN A 308 -5.08 24.58 4.87
N GLN A 308 -5.44 24.50 4.80
CA GLN A 308 -4.19 25.74 4.75
CA GLN A 308 -4.63 25.72 4.72
C GLN A 308 -3.92 26.08 3.32
C GLN A 308 -4.24 26.09 3.33
N GLN A 309 -4.01 25.07 2.43
CA GLN A 309 -3.43 25.27 1.14
C GLN A 309 -4.28 24.92 -0.10
N ALA A 310 -5.20 24.02 0.05
CA ALA A 310 -5.94 23.65 -1.14
C ALA A 310 -7.05 24.62 -1.51
N LEU A 311 -7.53 24.53 -2.75
CA LEU A 311 -8.57 25.45 -3.26
C LEU A 311 -9.90 25.22 -2.48
N SER A 312 -10.71 26.27 -2.39
N SER A 312 -10.68 26.30 -2.40
CA SER A 312 -11.96 26.15 -1.66
CA SER A 312 -11.98 26.26 -1.74
C SER A 312 -12.84 25.04 -2.14
C SER A 312 -12.77 25.04 -2.16
N SER A 313 -12.83 24.81 -3.47
CA SER A 313 -13.72 23.82 -4.04
C SER A 313 -13.42 22.39 -3.75
N VAL A 314 -12.26 22.10 -3.12
CA VAL A 314 -11.92 20.76 -2.70
C VAL A 314 -12.02 20.58 -1.18
N GLN A 315 -12.50 21.60 -0.45
CA GLN A 315 -12.47 21.53 1.01
C GLN A 315 -13.49 20.55 1.56
N ASP A 316 -14.44 20.17 0.75
N ASP A 316 -14.51 20.17 0.84
CA ASP A 316 -15.48 19.24 1.15
CA ASP A 316 -15.49 19.23 1.41
C ASP A 316 -15.05 17.79 0.99
C ASP A 316 -14.99 17.81 1.16
N VAL A 317 -13.84 17.60 0.50
CA VAL A 317 -13.29 16.23 0.35
C VAL A 317 -13.28 15.55 1.70
N ASP A 318 -13.71 14.29 1.71
CA ASP A 318 -13.61 13.47 2.92
C ASP A 318 -12.22 12.78 2.94
N VAL A 319 -11.52 12.85 4.06
CA VAL A 319 -10.23 12.21 4.22
C VAL A 319 -10.43 11.32 5.43
N VAL A 320 -10.20 10.01 5.28
CA VAL A 320 -10.43 9.07 6.30
C VAL A 320 -9.26 8.08 6.44
N VAL A 321 -9.17 7.42 7.62
CA VAL A 321 -8.29 6.31 7.79
C VAL A 321 -9.13 5.03 7.36
N SER A 322 -8.49 4.13 6.63
CA SER A 322 -9.11 2.86 6.27
C SER A 322 -9.52 2.07 7.49
N ASP A 323 -10.65 1.38 7.35
CA ASP A 323 -11.13 0.43 8.34
C ASP A 323 -10.77 -1.01 7.97
N LEU A 324 -9.93 -1.24 6.99
CA LEU A 324 -9.51 -2.57 6.59
C LEU A 324 -8.18 -2.89 7.22
N VAL A 325 -8.09 -4.08 7.79
N VAL A 325 -7.98 -4.14 7.55
CA VAL A 325 -6.78 -4.52 8.33
CA VAL A 325 -6.79 -4.54 8.30
C VAL A 325 -5.65 -4.50 7.35
C VAL A 325 -5.60 -4.71 7.40
N ASP A 326 -5.84 -4.97 6.12
CA ASP A 326 -4.74 -5.23 5.17
C ASP A 326 -5.28 -5.02 3.78
N PRO A 327 -5.32 -3.78 3.34
CA PRO A 327 -5.91 -3.48 2.02
C PRO A 327 -5.27 -4.20 0.89
N ALA A 328 -3.96 -4.30 0.88
CA ALA A 328 -3.33 -4.91 -0.29
C ALA A 328 -3.66 -6.35 -0.41
N LEU A 329 -3.65 -7.08 0.69
CA LEU A 329 -3.94 -8.47 0.65
C LEU A 329 -5.41 -8.73 0.35
N LEU A 330 -6.29 -7.94 0.94
CA LEU A 330 -7.75 -8.05 0.67
C LEU A 330 -8.07 -7.70 -0.78
N GLY A 331 -7.33 -6.71 -1.31
CA GLY A 331 -7.48 -6.31 -2.70
C GLY A 331 -7.04 -7.34 -3.71
N ALA A 332 -5.93 -7.98 -3.42
CA ALA A 332 -5.51 -9.11 -4.21
C ALA A 332 -6.57 -10.19 -4.21
N ALA A 333 -7.13 -10.51 -3.05
CA ALA A 333 -8.22 -11.50 -2.97
C ALA A 333 -9.40 -11.02 -3.79
N SER A 334 -9.71 -9.71 -3.75
CA SER A 334 -10.88 -9.19 -4.44
C SER A 334 -10.81 -9.44 -5.96
N MET A 335 -9.61 -9.48 -6.53
CA MET A 335 -9.51 -9.74 -7.99
C MET A 335 -10.04 -11.09 -8.27
N VAL A 336 -9.68 -12.09 -7.48
CA VAL A 336 -10.17 -13.44 -7.66
C VAL A 336 -11.68 -13.45 -7.45
N LEU A 337 -12.12 -12.86 -6.32
CA LEU A 337 -13.52 -13.02 -5.92
C LEU A 337 -14.46 -12.36 -6.90
N ASP A 338 -14.06 -11.26 -7.48
CA ASP A 338 -14.91 -10.55 -8.42
C ASP A 338 -14.84 -11.08 -9.83
N TYR A 339 -13.76 -11.72 -10.23
CA TYR A 339 -13.53 -11.96 -11.70
C TYR A 339 -13.40 -13.37 -12.12
N THR A 340 -13.35 -14.26 -11.14
CA THR A 340 -13.12 -15.68 -11.39
C THR A 340 -14.32 -16.30 -12.14
C1 BM3 B . 7.14 1.91 -4.21
O1 BM3 B . 6.81 3.25 -4.34
C2 BM3 B . 6.85 1.19 -5.54
N2 BM3 B . 7.45 -0.18 -5.48
C7 BM3 B . 8.18 -0.71 -6.45
O7 BM3 B . 8.39 -0.16 -7.54
C8 BM3 B . 8.82 -2.05 -6.08
C3 BM3 B . 5.37 1.20 -5.83
O3 BM3 B . 5.06 0.48 -7.04
C4 BM3 B . 4.60 0.63 -4.68
O4 BM3 B . 3.19 0.74 -4.93
C5 BM3 B . 4.93 1.32 -3.39
C6 BM3 B . 4.34 0.75 -2.14
O6 BM3 B . 4.68 -0.59 -1.90
O5 BM3 B . 6.37 1.28 -3.17
ZN ZN C . 10.33 8.53 -5.68
O1 2PE D . -5.73 -17.27 11.24
C2 2PE D . -5.95 -18.20 12.36
C3 2PE D . -4.77 -19.17 12.39
O4 2PE D . -4.74 -19.98 11.20
C5 2PE D . -5.83 -20.88 10.95
C6 2PE D . -5.52 -22.16 11.67
O7 2PE D . -4.37 -22.85 11.13
C8 2PE D . -4.23 -24.16 11.68
C9 2PE D . -3.09 -24.80 10.93
O10 2PE D . -1.89 -24.16 11.32
C11 2PE D . -0.77 -24.78 10.67
C12 2PE D . 0.44 -24.17 11.26
O13 2PE D . 0.51 -22.88 10.64
C14 2PE D . 1.71 -22.17 10.97
C15 2PE D . 1.79 -20.84 10.26
O16 2PE D . 0.85 -20.00 10.98
C17 2PE D . 0.72 -18.73 10.34
C18 2PE D . -0.28 -17.96 11.19
O19 2PE D . -1.59 -18.47 11.03
C1 EDO E . 7.45 -22.57 2.98
O1 EDO E . 6.05 -22.72 2.91
C2 EDO E . 7.79 -21.41 3.89
O2 EDO E . 9.20 -21.42 4.15
C1 EDO F . -4.10 -28.23 -2.66
O1 EDO F . -3.45 -29.02 -1.71
C2 EDO F . -5.26 -29.00 -3.14
O2 EDO F . -6.13 -28.11 -3.76
C1 EDO G . 8.73 -12.37 8.99
O1 EDO G . 7.92 -11.52 9.83
C2 EDO G . 9.80 -13.08 9.79
O2 EDO G . 9.82 -14.51 9.62
CA CA H . -0.36 2.40 -7.76
CA CA H . -0.27 2.33 -9.11
C1 PGE I . 19.38 -4.25 2.08
O1 PGE I . 18.10 -4.84 1.86
C2 PGE I . 20.26 -5.14 2.93
O2 PGE I . 20.41 -6.36 2.26
C3 PGE I . 21.39 -7.20 2.87
C4 PGE I . 21.42 -8.54 2.13
O3 PGE I . 20.42 -9.42 2.71
C1 EDO J . -18.04 15.26 2.14
C1 EDO J . -15.48 17.05 4.83
O1 EDO J . -18.20 15.47 0.78
O1 EDO J . -15.37 17.77 6.08
C2 EDO J . -17.58 16.48 2.84
C2 EDO J . -16.84 17.27 4.20
O2 EDO J . -16.92 16.22 3.96
O2 EDO J . -17.37 16.17 3.39
C1 PGE K . 13.93 -6.62 1.71
O1 PGE K . 15.08 -5.83 1.38
C2 PGE K . 13.75 -6.59 3.23
O2 PGE K . 13.55 -7.90 3.79
C3 PGE K . 13.99 -7.99 5.15
C4 PGE K . 15.15 -9.00 5.29
O3 PGE K . 15.88 -8.79 6.50
C ACT L . -6.93 3.32 -17.76
O ACT L . -6.24 4.31 -17.61
OXT ACT L . -6.89 2.34 -17.06
CH3 ACT L . -7.93 3.32 -18.95
CL CL M . 19.84 -2.05 -3.31
#